data_7HBV
#
_entry.id   7HBV
#
_cell.length_a   66.000
_cell.length_b   89.520
_cell.length_c   99.830
_cell.angle_alpha   90.000
_cell.angle_beta   90.000
_cell.angle_gamma   90.000
#
_symmetry.space_group_name_H-M   'I 2 2 2'
#
loop_
_entity.id
_entity.type
_entity.pdbx_description
1 polymer 'Heat shock protein HSP 90-alpha'
2 non-polymer 7-methoxy-1H-pyrrolo[2,3-c]pyridine
3 water water
#
_entity_poly.entity_id   1
_entity_poly.type   'polypeptide(L)'
_entity_poly.pdbx_seq_one_letter_code
;MDQPMEEEEVETFAFQAEIAQLMSLIINTFYSNKEIFLRELISNSSDALDKIRYESLTDPSKLDSGKELHINLIPNKQDR
TLTIVDTGIGMTKADLINNLGTIAKSGTKAFMEALQAGADISMIGQFGVGFYSAYLVAEKVTVITKHNDDEQYAWESSAG
GSFTVRTDTGEPMGRGTKVILHLKEDQTEYLEERRIKEIVKKHSQFIGYPITLFVEKERDKEVSDDEAELEHHHHHH
;
_entity_poly.pdbx_strand_id   A
#
loop_
_chem_comp.id
_chem_comp.type
_chem_comp.name
_chem_comp.formula
A1AXT non-polymer 7-methoxy-1H-pyrrolo[2,3-c]pyridine 'C8 H8 N2 O'
#
# COMPACT_ATOMS: atom_id res chain seq x y z
N GLU A 9 -18.75 13.94 -2.96
CA GLU A 9 -18.57 14.41 -1.58
C GLU A 9 -17.25 13.91 -0.98
N VAL A 10 -16.30 14.84 -0.83
CA VAL A 10 -14.92 14.52 -0.50
C VAL A 10 -14.59 15.14 0.85
N GLU A 11 -14.10 14.32 1.77
CA GLU A 11 -13.66 14.78 3.09
C GLU A 11 -12.15 14.91 3.08
N THR A 12 -11.65 16.04 3.59
CA THR A 12 -10.22 16.29 3.69
C THR A 12 -9.80 16.30 5.16
N PHE A 13 -8.74 15.56 5.46
CA PHE A 13 -8.23 15.36 6.81
C PHE A 13 -6.78 15.77 6.87
N ALA A 14 -6.36 16.28 8.03
CA ALA A 14 -4.94 16.47 8.27
C ALA A 14 -4.30 15.19 8.79
N PHE A 15 -3.10 14.88 8.27
CA PHE A 15 -2.36 13.83 8.95
C PHE A 15 -2.03 14.26 10.37
N GLN A 16 -1.99 13.27 11.26
CA GLN A 16 -1.33 13.50 12.55
C GLN A 16 0.09 14.00 12.30
N ALA A 17 0.56 14.90 13.18
CA ALA A 17 1.86 15.53 12.97
C ALA A 17 2.95 14.50 12.75
N GLU A 18 2.94 13.42 13.52
CA GLU A 18 4.01 12.44 13.43
C GLU A 18 4.02 11.75 12.07
N ILE A 19 2.84 11.55 11.46
CA ILE A 19 2.77 10.88 10.16
C ILE A 19 3.21 11.84 9.06
N ALA A 20 2.82 13.11 9.19
CA ALA A 20 3.32 14.11 8.25
C ALA A 20 4.85 14.16 8.30
N GLN A 21 5.42 14.02 9.49
CA GLN A 21 6.87 14.05 9.61
C GLN A 21 7.48 12.81 8.97
N LEU A 22 6.85 11.63 9.18
CA LEU A 22 7.32 10.41 8.51
C LEU A 22 7.31 10.57 7.00
N MET A 23 6.22 11.11 6.46
CA MET A 23 6.12 11.25 5.03
C MET A 23 7.17 12.21 4.50
N SER A 24 7.39 13.33 5.22
CA SER A 24 8.37 14.29 4.76
C SER A 24 9.76 13.68 4.77
N LEU A 25 10.06 12.84 5.77
CA LEU A 25 11.37 12.19 5.81
C LEU A 25 11.55 11.23 4.63
N ILE A 26 10.51 10.46 4.33
CA ILE A 26 10.60 9.53 3.22
C ILE A 26 10.81 10.29 1.91
N ILE A 27 10.13 11.43 1.76
CA ILE A 27 10.20 12.19 0.50
C ILE A 27 11.51 12.94 0.36
N ASN A 28 12.08 13.43 1.47
CA ASN A 28 13.23 14.35 1.40
C ASN A 28 14.57 13.74 1.76
N THR A 29 14.62 12.56 2.35
CA THR A 29 15.93 11.95 2.66
C THR A 29 16.57 11.44 1.39
N PHE A 30 17.86 11.72 1.20
CA PHE A 30 18.55 11.06 0.11
C PHE A 30 18.73 9.59 0.44
N TYR A 31 18.20 8.72 -0.41
CA TYR A 31 18.23 7.29 -0.12
C TYR A 31 17.95 6.54 -1.43
N SER A 32 18.97 5.88 -1.96
CA SER A 32 18.90 5.36 -3.34
C SER A 32 18.11 4.07 -3.47
N ASN A 33 17.97 3.30 -2.40
CA ASN A 33 17.42 1.94 -2.46
C ASN A 33 15.88 1.98 -2.42
N LYS A 34 15.30 2.65 -3.41
CA LYS A 34 13.86 2.92 -3.39
C LYS A 34 13.03 1.69 -3.69
N GLU A 35 13.62 0.66 -4.29
CA GLU A 35 12.82 -0.48 -4.75
C GLU A 35 12.12 -1.20 -3.60
N ILE A 36 12.57 -1.02 -2.35
CA ILE A 36 11.91 -1.70 -1.25
C ILE A 36 10.46 -1.31 -1.07
N PHE A 37 9.99 -0.22 -1.71
CA PHE A 37 8.56 0.10 -1.59
C PHE A 37 7.73 -1.09 -2.04
N LEU A 38 8.17 -1.82 -3.07
CA LEU A 38 7.31 -2.86 -3.59
C LEU A 38 7.26 -4.04 -2.62
N ARG A 39 8.39 -4.36 -2.01
CA ARG A 39 8.41 -5.41 -0.99
C ARG A 39 7.46 -5.07 0.15
N GLU A 40 7.43 -3.80 0.55
CA GLU A 40 6.61 -3.39 1.68
C GLU A 40 5.13 -3.48 1.34
N LEU A 41 4.77 -3.06 0.13
CA LEU A 41 3.35 -3.12 -0.25
C LEU A 41 2.89 -4.56 -0.45
N ILE A 42 3.72 -5.42 -1.06
CA ILE A 42 3.37 -6.83 -1.21
C ILE A 42 3.25 -7.48 0.16
N SER A 43 4.12 -7.09 1.09
CA SER A 43 4.02 -7.65 2.43
C SER A 43 2.71 -7.22 3.09
N ASN A 44 2.33 -5.96 2.94
CA ASN A 44 1.05 -5.51 3.46
C ASN A 44 -0.11 -6.29 2.84
N SER A 45 -0.05 -6.53 1.52
CA SER A 45 -1.10 -7.33 0.90
C SER A 45 -1.14 -8.74 1.48
N SER A 46 0.03 -9.35 1.68
CA SER A 46 0.06 -10.71 2.23
C SER A 46 -0.55 -10.73 3.63
N ASP A 47 -0.24 -9.70 4.45
CA ASP A 47 -0.83 -9.62 5.78
C ASP A 47 -2.35 -9.51 5.70
N ALA A 48 -2.84 -8.73 4.72
CA ALA A 48 -4.29 -8.57 4.55
C ALA A 48 -4.96 -9.86 4.09
N LEU A 49 -4.31 -10.59 3.18
CA LEU A 49 -4.80 -11.89 2.75
C LEU A 49 -4.80 -12.89 3.88
N ASP A 50 -3.76 -12.89 4.73
CA ASP A 50 -3.76 -13.80 5.88
C ASP A 50 -4.96 -13.51 6.78
N LYS A 51 -5.34 -12.23 6.94
CA LYS A 51 -6.44 -11.92 7.85
C LYS A 51 -7.78 -12.46 7.33
N ILE A 52 -8.05 -12.31 6.03
CA ILE A 52 -9.34 -12.82 5.56
C ILE A 52 -9.29 -14.35 5.50
N ARG A 53 -8.12 -14.93 5.22
CA ARG A 53 -8.02 -16.38 5.29
C ARG A 53 -8.33 -16.88 6.68
N TYR A 54 -7.78 -16.24 7.71
CA TYR A 54 -8.03 -16.70 9.06
C TYR A 54 -9.51 -16.59 9.40
N GLU A 55 -10.14 -15.47 9.04
CA GLU A 55 -11.58 -15.33 9.33
C GLU A 55 -12.41 -16.38 8.62
N SER A 56 -12.03 -16.72 7.39
CA SER A 56 -12.77 -17.73 6.64
C SER A 56 -12.66 -19.13 7.22
N LEU A 57 -11.69 -19.38 8.11
CA LEU A 57 -11.54 -20.74 8.64
C LEU A 57 -12.68 -21.12 9.54
N THR A 58 -13.32 -20.14 10.15
CA THR A 58 -14.47 -20.42 10.99
C THR A 58 -15.76 -19.90 10.40
N ASP A 59 -15.71 -19.16 9.29
CA ASP A 59 -16.91 -18.55 8.71
C ASP A 59 -16.69 -18.46 7.20
N PRO A 60 -17.03 -19.52 6.47
CA PRO A 60 -16.75 -19.52 5.02
C PRO A 60 -17.46 -18.41 4.29
N SER A 61 -18.57 -17.88 4.83
CA SER A 61 -19.24 -16.80 4.14
C SER A 61 -18.42 -15.52 4.11
N LYS A 62 -17.31 -15.45 4.86
CA LYS A 62 -16.43 -14.30 4.73
C LYS A 62 -15.86 -14.21 3.31
N LEU A 63 -15.87 -15.30 2.55
CA LEU A 63 -15.35 -15.29 1.20
C LEU A 63 -16.45 -15.19 0.16
N ASP A 64 -17.68 -14.87 0.57
CA ASP A 64 -18.75 -14.66 -0.40
C ASP A 64 -18.42 -13.52 -1.36
N SER A 65 -17.62 -12.57 -0.90
CA SER A 65 -17.15 -11.42 -1.65
C SER A 65 -15.97 -11.74 -2.54
N GLY A 66 -15.54 -13.00 -2.61
CA GLY A 66 -14.47 -13.40 -3.49
C GLY A 66 -13.64 -14.51 -2.88
N LYS A 67 -13.59 -15.69 -3.51
CA LYS A 67 -12.84 -16.80 -2.95
C LYS A 67 -11.35 -16.75 -3.26
N GLU A 68 -10.93 -16.06 -4.33
CA GLU A 68 -9.52 -16.10 -4.73
C GLU A 68 -8.71 -15.16 -3.85
N LEU A 69 -7.57 -15.63 -3.38
CA LEU A 69 -6.66 -14.86 -2.54
C LEU A 69 -5.36 -14.66 -3.32
N HIS A 70 -5.15 -13.45 -3.81
CA HIS A 70 -4.04 -13.23 -4.74
C HIS A 70 -3.63 -11.78 -4.73
N ILE A 71 -2.48 -11.52 -5.38
CA ILE A 71 -1.86 -10.22 -5.53
C ILE A 71 -1.59 -9.99 -7.01
N ASN A 72 -2.08 -8.89 -7.57
CA ASN A 72 -1.80 -8.53 -8.95
C ASN A 72 -0.98 -7.25 -8.99
N LEU A 73 0.03 -7.21 -9.87
CA LEU A 73 0.82 -6.01 -10.08
C LEU A 73 0.51 -5.53 -11.49
N ILE A 74 0.02 -4.29 -11.59
CA ILE A 74 -0.48 -3.81 -12.88
C ILE A 74 0.23 -2.51 -13.21
N PRO A 75 1.24 -2.54 -14.07
CA PRO A 75 1.84 -1.31 -14.57
C PRO A 75 1.04 -0.74 -15.72
N ASN A 76 1.04 0.59 -15.78
CA ASN A 76 0.36 1.29 -16.88
C ASN A 76 1.24 2.47 -17.27
N LYS A 77 1.95 2.33 -18.39
CA LYS A 77 2.88 3.38 -18.77
C LYS A 77 2.18 4.63 -19.31
N GLN A 78 0.95 4.49 -19.83
CA GLN A 78 0.26 5.67 -20.34
C GLN A 78 -0.21 6.58 -19.21
N ASP A 79 -0.67 5.98 -18.11
CA ASP A 79 -1.12 6.71 -16.93
C ASP A 79 0.03 6.97 -15.98
N ARG A 80 1.18 6.36 -16.22
CA ARG A 80 2.34 6.38 -15.33
C ARG A 80 1.96 5.93 -13.92
N THR A 81 1.29 4.78 -13.83
CA THR A 81 0.84 4.24 -12.55
C THR A 81 1.29 2.79 -12.41
N LEU A 82 1.61 2.42 -11.19
CA LEU A 82 1.78 1.02 -10.80
C LEU A 82 0.73 0.72 -9.76
N THR A 83 -0.10 -0.27 -10.01
CA THR A 83 -1.17 -0.62 -9.10
C THR A 83 -0.89 -1.98 -8.48
N ILE A 84 -1.01 -2.07 -7.15
CA ILE A 84 -0.86 -3.33 -6.42
C ILE A 84 -2.24 -3.69 -5.91
N VAL A 85 -2.81 -4.79 -6.41
CA VAL A 85 -4.18 -5.19 -6.07
C VAL A 85 -4.12 -6.43 -5.20
N ASP A 86 -4.86 -6.46 -4.10
CA ASP A 86 -4.94 -7.73 -3.41
C ASP A 86 -6.39 -7.98 -3.04
N THR A 87 -6.73 -9.23 -2.80
CA THR A 87 -8.09 -9.55 -2.37
C THR A 87 -8.13 -9.92 -0.89
N GLY A 88 -7.40 -9.18 -0.07
CA GLY A 88 -7.38 -9.47 1.35
C GLY A 88 -8.58 -8.89 2.06
N ILE A 89 -8.41 -8.68 3.36
CA ILE A 89 -9.57 -8.31 4.17
C ILE A 89 -10.10 -6.92 3.90
N GLY A 90 -9.31 -6.02 3.28
CA GLY A 90 -9.78 -4.68 3.01
C GLY A 90 -9.74 -3.83 4.25
N MET A 91 -10.22 -2.61 4.09
CA MET A 91 -10.23 -1.64 5.18
C MET A 91 -11.56 -0.95 5.24
N THR A 92 -12.06 -0.73 6.46
CA THR A 92 -13.24 0.11 6.65
C THR A 92 -12.85 1.58 6.50
N LYS A 93 -13.87 2.45 6.39
CA LYS A 93 -13.60 3.90 6.37
C LYS A 93 -12.82 4.30 7.60
N ALA A 94 -13.20 3.77 8.78
CA ALA A 94 -12.49 4.10 10.01
C ALA A 94 -11.04 3.65 9.93
N ASP A 95 -10.77 2.48 9.32
CA ASP A 95 -9.38 2.03 9.17
C ASP A 95 -8.63 2.97 8.26
N LEU A 96 -9.23 3.41 7.17
CA LEU A 96 -8.53 4.32 6.27
C LEU A 96 -8.10 5.57 7.01
N ILE A 97 -9.04 6.17 7.74
CA ILE A 97 -8.75 7.43 8.42
C ILE A 97 -7.70 7.23 9.50
N ASN A 98 -7.76 6.09 10.20
CA ASN A 98 -6.78 5.76 11.24
C ASN A 98 -5.53 5.14 10.63
N ASN A 99 -4.90 5.93 9.76
CA ASN A 99 -3.61 5.61 9.14
C ASN A 99 -3.59 4.24 8.48
N LEU A 100 -4.60 4.00 7.64
CA LEU A 100 -4.67 2.79 6.83
C LEU A 100 -4.47 1.53 7.68
N GLY A 101 -5.10 1.53 8.86
CA GLY A 101 -5.09 0.33 9.70
C GLY A 101 -3.82 0.04 10.45
N THR A 102 -2.94 1.04 10.58
CA THR A 102 -1.65 0.90 11.25
C THR A 102 -1.67 1.65 12.57
N ILE A 103 -0.70 1.33 13.43
CA ILE A 103 -0.44 2.11 14.63
C ILE A 103 0.70 3.06 14.30
N ALA A 104 0.42 3.97 13.38
CA ALA A 104 1.50 4.70 12.74
C ALA A 104 2.14 5.72 13.67
N LYS A 105 1.42 6.25 14.67
CA LYS A 105 2.06 7.17 15.59
C LYS A 105 3.20 6.50 16.35
N SER A 106 2.92 5.36 17.00
CA SER A 106 3.99 4.71 17.74
C SER A 106 5.00 4.06 16.80
N GLY A 107 4.57 3.58 15.64
CA GLY A 107 5.54 3.04 14.69
C GLY A 107 6.49 4.09 14.15
N THR A 108 5.98 5.30 13.87
CA THR A 108 6.86 6.38 13.42
C THR A 108 7.88 6.72 14.49
N LYS A 109 7.43 6.84 15.74
CA LYS A 109 8.33 7.16 16.84
C LYS A 109 9.48 6.17 16.87
N ALA A 110 9.16 4.88 16.83
CA ALA A 110 10.21 3.88 16.91
C ALA A 110 11.11 3.97 15.68
N PHE A 111 10.52 4.19 14.51
CA PHE A 111 11.31 4.19 13.28
C PHE A 111 12.32 5.32 13.29
N MET A 112 11.89 6.49 13.72
CA MET A 112 12.81 7.62 13.69
C MET A 112 13.90 7.50 14.73
N GLU A 113 13.60 6.89 15.87
CA GLU A 113 14.67 6.59 16.81
C GLU A 113 15.66 5.61 16.21
N ALA A 114 15.15 4.61 15.50
CA ALA A 114 16.03 3.63 14.89
C ALA A 114 16.93 4.27 13.83
N LEU A 115 16.37 5.18 13.03
CA LEU A 115 17.16 5.87 12.00
C LEU A 115 18.28 6.70 12.63
N GLN A 116 17.96 7.47 13.67
CA GLN A 116 18.95 8.27 14.37
C GLN A 116 20.07 7.40 14.94
N ALA A 117 19.78 6.14 15.26
CA ALA A 117 20.72 5.20 15.85
C ALA A 117 21.42 4.33 14.81
N GLY A 118 21.18 4.54 13.51
CA GLY A 118 21.93 3.78 12.53
C GLY A 118 21.12 2.96 11.54
N ALA A 119 19.84 2.75 11.80
CA ALA A 119 19.01 2.03 10.83
C ALA A 119 18.85 2.87 9.57
N ASP A 120 18.36 2.22 8.50
CA ASP A 120 18.09 2.92 7.27
C ASP A 120 16.64 2.73 6.87
N ILE A 121 16.23 3.50 5.85
CA ILE A 121 14.82 3.52 5.47
C ILE A 121 14.31 2.14 5.06
N SER A 122 15.18 1.28 4.56
CA SER A 122 14.69 -0.04 4.14
C SER A 122 14.11 -0.85 5.30
N MET A 123 14.38 -0.48 6.55
CA MET A 123 13.85 -1.24 7.68
C MET A 123 12.46 -0.78 8.11
N ILE A 124 11.82 0.07 7.31
CA ILE A 124 10.55 0.70 7.69
C ILE A 124 9.48 -0.33 8.03
N GLY A 125 9.46 -1.47 7.35
CA GLY A 125 8.40 -2.44 7.61
C GLY A 125 8.50 -3.07 9.00
N GLN A 126 9.68 -3.05 9.61
CA GLN A 126 9.81 -3.58 10.97
C GLN A 126 9.06 -2.71 11.96
N PHE A 127 8.67 -1.51 11.56
CA PHE A 127 7.98 -0.58 12.42
C PHE A 127 6.52 -0.41 12.03
N GLY A 128 6.01 -1.26 11.14
CA GLY A 128 4.57 -1.31 10.87
C GLY A 128 4.02 -0.14 10.10
N VAL A 129 4.88 0.63 9.44
CA VAL A 129 4.47 1.78 8.63
C VAL A 129 5.05 1.67 7.23
N GLY A 130 5.22 0.43 6.73
CA GLY A 130 5.76 0.24 5.40
C GLY A 130 4.93 0.82 4.28
N PHE A 131 3.62 0.98 4.47
CA PHE A 131 2.80 1.60 3.44
C PHE A 131 3.41 2.92 2.95
N TYR A 132 3.94 3.73 3.88
CA TYR A 132 4.33 5.09 3.52
C TYR A 132 5.60 5.10 2.67
N SER A 133 6.27 3.96 2.54
CA SER A 133 7.40 3.87 1.60
C SER A 133 6.94 4.00 0.16
N ALA A 134 5.64 3.93 -0.10
CA ALA A 134 5.16 4.27 -1.44
C ALA A 134 5.64 5.64 -1.90
N TYR A 135 5.83 6.59 -0.94
CA TYR A 135 6.23 7.95 -1.31
C TYR A 135 7.71 8.05 -1.67
N LEU A 136 8.44 6.93 -1.62
CA LEU A 136 9.76 6.87 -2.25
C LEU A 136 9.68 7.05 -3.74
N VAL A 137 8.60 6.55 -4.35
CA VAL A 137 8.50 6.51 -5.80
C VAL A 137 7.27 7.21 -6.33
N ALA A 138 6.28 7.50 -5.50
CA ALA A 138 5.02 8.07 -5.97
C ALA A 138 4.87 9.51 -5.53
N GLU A 139 4.40 10.35 -6.46
CA GLU A 139 4.02 11.70 -6.06
C GLU A 139 2.61 11.73 -5.47
N LYS A 140 1.77 10.76 -5.78
CA LYS A 140 0.41 10.70 -5.30
C LYS A 140 0.11 9.23 -5.12
N VAL A 141 -0.61 8.89 -4.07
CA VAL A 141 -1.04 7.50 -3.87
C VAL A 141 -2.54 7.51 -3.68
N THR A 142 -3.23 6.60 -4.38
CA THR A 142 -4.67 6.42 -4.23
C THR A 142 -4.88 5.02 -3.71
N VAL A 143 -5.70 4.86 -2.67
CA VAL A 143 -5.97 3.53 -2.12
C VAL A 143 -7.46 3.30 -2.26
N ILE A 144 -7.86 2.27 -3.01
CA ILE A 144 -9.28 1.90 -3.12
C ILE A 144 -9.46 0.66 -2.27
N THR A 145 -10.50 0.63 -1.44
CA THR A 145 -10.58 -0.52 -0.57
C THR A 145 -12.03 -0.89 -0.30
N LYS A 146 -12.24 -2.17 -0.03
CA LYS A 146 -13.57 -2.69 0.29
C LYS A 146 -13.43 -3.80 1.32
N HIS A 147 -14.03 -3.59 2.48
CA HIS A 147 -14.07 -4.54 3.58
C HIS A 147 -15.49 -5.10 3.62
N ASN A 148 -15.64 -6.38 4.01
CA ASN A 148 -16.97 -6.98 4.09
C ASN A 148 -17.94 -6.12 4.89
N ASP A 149 -17.46 -5.39 5.91
CA ASP A 149 -18.35 -4.70 6.83
C ASP A 149 -18.59 -3.24 6.47
N ASP A 150 -18.12 -2.79 5.31
CA ASP A 150 -18.28 -1.38 4.96
C ASP A 150 -18.46 -1.25 3.44
N GLU A 151 -18.62 -0.01 2.99
CA GLU A 151 -18.74 0.29 1.57
C GLU A 151 -17.35 0.52 0.98
N GLN A 152 -17.28 0.62 -0.35
CA GLN A 152 -16.02 0.88 -1.03
C GLN A 152 -15.62 2.34 -0.93
N TYR A 153 -14.36 2.59 -0.53
CA TYR A 153 -13.88 3.94 -0.30
C TYR A 153 -12.59 4.14 -1.07
N ALA A 154 -12.31 5.40 -1.39
CA ALA A 154 -11.05 5.83 -1.98
C ALA A 154 -10.36 6.83 -1.05
N TRP A 155 -9.15 6.52 -0.65
CA TRP A 155 -8.26 7.40 0.07
C TRP A 155 -7.24 7.94 -0.92
N GLU A 156 -6.81 9.19 -0.75
CA GLU A 156 -5.79 9.73 -1.64
C GLU A 156 -4.94 10.77 -0.91
N SER A 157 -3.65 10.81 -1.25
CA SER A 157 -2.81 11.87 -0.70
C SER A 157 -1.62 12.09 -1.61
N SER A 158 -1.29 13.37 -1.81
CA SER A 158 -0.03 13.80 -2.41
C SER A 158 0.93 14.30 -1.35
N ALA A 159 0.79 13.81 -0.12
CA ALA A 159 1.54 14.27 1.06
C ALA A 159 1.18 15.74 1.28
N GLY A 160 2.10 16.61 1.69
CA GLY A 160 1.68 17.97 1.94
C GLY A 160 0.75 18.14 3.12
N GLY A 161 0.60 17.13 3.96
CA GLY A 161 -0.06 17.27 5.23
C GLY A 161 -1.51 16.82 5.27
N SER A 162 -2.10 16.42 4.15
CA SER A 162 -3.52 16.12 4.16
C SER A 162 -3.78 14.89 3.29
N PHE A 163 -4.93 14.27 3.52
CA PHE A 163 -5.41 13.19 2.68
C PHE A 163 -6.92 13.37 2.54
N THR A 164 -7.49 12.76 1.49
CA THR A 164 -8.93 12.79 1.30
C THR A 164 -9.51 11.40 1.38
N VAL A 165 -10.78 11.32 1.76
CA VAL A 165 -11.52 10.07 1.70
C VAL A 165 -12.85 10.36 1.04
N ARG A 166 -13.27 9.48 0.14
CA ARG A 166 -14.55 9.62 -0.52
C ARG A 166 -15.14 8.25 -0.77
N THR A 167 -16.47 8.19 -0.86
CA THR A 167 -17.08 6.96 -1.29
C THR A 167 -16.68 6.74 -2.73
N ASP A 168 -16.33 5.50 -3.08
CA ASP A 168 -15.89 5.23 -4.43
C ASP A 168 -17.05 4.66 -5.25
N THR A 169 -17.41 5.36 -6.31
CA THR A 169 -18.47 4.99 -7.23
C THR A 169 -17.92 4.29 -8.46
N GLY A 170 -16.62 4.04 -8.51
CA GLY A 170 -16.00 3.41 -9.64
C GLY A 170 -16.12 1.90 -9.64
N GLU A 171 -15.21 1.27 -10.36
CA GLU A 171 -15.17 -0.17 -10.57
C GLU A 171 -15.34 -0.90 -9.24
N PRO A 172 -16.41 -1.64 -9.01
CA PRO A 172 -16.55 -2.37 -7.74
C PRO A 172 -15.44 -3.41 -7.58
N MET A 173 -14.94 -3.55 -6.35
CA MET A 173 -13.83 -4.48 -6.10
C MET A 173 -14.21 -5.83 -5.51
N GLY A 174 -15.35 -5.97 -4.86
CA GLY A 174 -15.63 -7.26 -4.25
C GLY A 174 -15.15 -7.26 -2.82
N ARG A 175 -13.83 -7.29 -2.65
CA ARG A 175 -13.19 -7.21 -1.35
C ARG A 175 -11.70 -7.07 -1.58
N GLY A 176 -11.03 -6.25 -0.77
CA GLY A 176 -9.57 -6.14 -0.85
C GLY A 176 -9.15 -4.70 -0.93
N THR A 177 -7.91 -4.51 -1.40
CA THR A 177 -7.33 -3.18 -1.47
C THR A 177 -6.56 -3.03 -2.76
N LYS A 178 -6.65 -1.82 -3.34
CA LYS A 178 -5.87 -1.50 -4.52
C LYS A 178 -5.04 -0.28 -4.20
N VAL A 179 -3.72 -0.35 -4.33
CA VAL A 179 -2.86 0.80 -4.07
C VAL A 179 -2.36 1.27 -5.42
N ILE A 180 -2.74 2.48 -5.80
CA ILE A 180 -2.40 3.03 -7.12
C ILE A 180 -1.27 4.04 -6.87
N LEU A 181 -0.07 3.75 -7.37
CA LEU A 181 1.08 4.65 -7.23
C LEU A 181 1.18 5.50 -8.48
N HIS A 182 0.97 6.80 -8.33
CA HIS A 182 1.17 7.74 -9.44
C HIS A 182 2.66 8.09 -9.38
N LEU A 183 3.44 7.49 -10.26
CA LEU A 183 4.89 7.55 -10.08
C LEU A 183 5.49 8.91 -10.42
N LYS A 184 6.56 9.25 -9.71
CA LYS A 184 7.37 10.41 -10.06
C LYS A 184 8.01 10.22 -11.43
N GLU A 185 8.25 11.34 -12.12
CA GLU A 185 8.70 11.27 -13.51
C GLU A 185 10.00 10.48 -13.64
N ASP A 186 10.86 10.53 -12.63
CA ASP A 186 12.16 9.88 -12.73
C ASP A 186 12.16 8.48 -12.14
N GLN A 187 10.98 7.94 -11.82
CA GLN A 187 10.85 6.63 -11.22
C GLN A 187 10.09 5.67 -12.13
N THR A 188 10.14 5.90 -13.44
CA THR A 188 9.35 5.04 -14.33
C THR A 188 9.99 3.67 -14.58
N GLU A 189 11.20 3.42 -14.10
CA GLU A 189 11.75 2.07 -14.15
C GLU A 189 10.82 1.05 -13.50
N TYR A 190 10.02 1.46 -12.52
CA TYR A 190 9.14 0.50 -11.84
C TYR A 190 7.89 0.18 -12.62
N LEU A 191 7.78 0.65 -13.86
CA LEU A 191 6.76 0.16 -14.78
C LEU A 191 7.30 -0.87 -15.75
N GLU A 192 8.62 -1.12 -15.73
CA GLU A 192 9.23 -2.04 -16.68
C GLU A 192 9.13 -3.46 -16.16
N GLU A 193 8.67 -4.36 -17.03
CA GLU A 193 8.45 -5.75 -16.63
C GLU A 193 9.71 -6.35 -16.00
N ARG A 194 10.87 -6.16 -16.64
CA ARG A 194 12.05 -6.86 -16.15
C ARG A 194 12.46 -6.34 -14.78
N ARG A 195 12.25 -5.04 -14.54
CA ARG A 195 12.59 -4.47 -13.24
C ARG A 195 11.65 -4.96 -12.16
N ILE A 196 10.34 -4.99 -12.45
CA ILE A 196 9.41 -5.48 -11.42
C ILE A 196 9.71 -6.95 -11.10
N LYS A 197 9.96 -7.76 -12.15
CA LYS A 197 10.23 -9.18 -11.95
C LYS A 197 11.45 -9.36 -11.05
N GLU A 198 12.50 -8.56 -11.31
CA GLU A 198 13.71 -8.62 -10.49
C GLU A 198 13.41 -8.31 -9.03
N ILE A 199 12.59 -7.31 -8.78
CA ILE A 199 12.34 -6.91 -7.39
C ILE A 199 11.52 -7.98 -6.69
N VAL A 200 10.49 -8.51 -7.37
CA VAL A 200 9.67 -9.54 -6.75
C VAL A 200 10.51 -10.77 -6.44
N LYS A 201 11.42 -11.14 -7.36
CA LYS A 201 12.25 -12.33 -7.12
C LYS A 201 13.21 -12.10 -5.96
N LYS A 202 13.72 -10.87 -5.84
CA LYS A 202 14.71 -10.58 -4.81
C LYS A 202 14.11 -10.52 -3.41
N HIS A 203 12.92 -9.91 -3.30
CA HIS A 203 12.40 -9.52 -2.00
C HIS A 203 11.12 -10.22 -1.59
N SER A 204 10.43 -10.91 -2.50
CA SER A 204 9.12 -11.45 -2.18
C SER A 204 9.02 -12.93 -2.51
N GLN A 205 10.15 -13.64 -2.45
CA GLN A 205 10.14 -15.04 -2.86
C GLN A 205 9.31 -15.92 -1.93
N PHE A 206 9.11 -15.53 -0.67
CA PHE A 206 8.37 -16.38 0.27
C PHE A 206 6.98 -15.82 0.60
N ILE A 207 6.41 -15.03 -0.29
CA ILE A 207 5.04 -14.59 -0.12
C ILE A 207 4.12 -15.72 -0.58
N GLY A 208 3.18 -16.14 0.29
CA GLY A 208 2.46 -17.36 0.04
C GLY A 208 1.16 -17.20 -0.73
N TYR A 209 1.14 -16.27 -1.67
CA TYR A 209 -0.02 -16.02 -2.52
C TYR A 209 0.53 -15.79 -3.91
N PRO A 210 -0.23 -16.13 -4.95
CA PRO A 210 0.22 -15.87 -6.32
C PRO A 210 0.32 -14.38 -6.58
N ILE A 211 1.46 -13.98 -7.15
CA ILE A 211 1.72 -12.59 -7.52
C ILE A 211 1.79 -12.62 -9.03
N THR A 212 0.83 -11.95 -9.67
CA THR A 212 0.74 -11.98 -11.13
C THR A 212 1.15 -10.62 -11.63
N LEU A 213 2.21 -10.56 -12.41
CA LEU A 213 2.64 -9.31 -13.02
C LEU A 213 1.97 -9.20 -14.38
N PHE A 214 1.05 -8.24 -14.50
CA PHE A 214 0.37 -8.03 -15.76
C PHE A 214 1.31 -7.42 -16.78
N VAL A 215 1.11 -7.77 -18.05
CA VAL A 215 1.89 -7.13 -19.11
C VAL A 215 1.03 -6.11 -19.85
N GLU A 216 1.71 -5.27 -20.61
CA GLU A 216 1.01 -4.21 -21.34
C GLU A 216 1.03 -4.46 -22.84
N LYS A 217 -0.06 -4.05 -23.50
CA LYS A 217 -0.17 -4.03 -24.97
C LYS A 217 1.07 -3.44 -25.65
C1 A1AXT B . -16.23 4.45 -13.36
C2 A1AXT B . -15.77 2.18 -13.88
C3 A1AXT B . -13.75 1.58 -14.84
C4 A1AXT B . -14.01 0.23 -14.78
C5 A1AXT B . -15.25 -0.17 -14.24
C6 A1AXT B . -15.88 -1.43 -14.01
C7 A1AXT B . -17.09 -1.17 -13.45
C8 A1AXT B . -16.14 0.83 -13.78
N1 A1AXT B . -14.61 2.53 -14.39
N2 A1AXT B . -17.26 0.19 -13.31
O1 A1AXT B . -16.66 3.07 -13.43
#